data_2GUI
#
_entry.id   2GUI
#
_cell.length_a   60.099
_cell.length_b   60.099
_cell.length_c   109.164
_cell.angle_alpha   90.00
_cell.angle_beta   90.00
_cell.angle_gamma   90.00
#
_symmetry.space_group_name_H-M   'P 41 21 2'
#
loop_
_entity.id
_entity.type
_entity.pdbx_description
1 polymer 'DNA polymerase III epsilon subunit'
2 non-polymer 'MANGANESE (II) ION'
3 non-polymer "URIDINE-5'-MONOPHOSPHATE"
4 non-polymer 1,2-ETHANEDIOL
5 non-polymer DI(HYDROXYETHYL)ETHER
6 water water
#
_entity_poly.entity_id   1
_entity_poly.type   'polypeptide(L)'
_entity_poly.pdbx_seq_one_letter_code
;SIEFSTAITRQIVLDTETTGMNQIGAHYEGHKIIEIGAVEVVNRRLTGNNFHVYLKPDRLVDPEAFGVHGIADEFLLDKP
TFAEVADEFMDYIRGAELVIHNAAFDIGFMDYEFSLLKRDIPKTNTFCKVTDSLAVARKMFPGKRNSLDALCARYEIDNS
KRTLHGALLDAQILAEVYLAMTGGQTSMATRESG
;
_entity_poly.pdbx_strand_id   A
#
loop_
_chem_comp.id
_chem_comp.type
_chem_comp.name
_chem_comp.formula
EDO non-polymer 1,2-ETHANEDIOL 'C2 H6 O2'
MN non-polymer 'MANGANESE (II) ION' 'Mn 2'
PEG non-polymer DI(HYDROXYETHYL)ETHER 'C4 H10 O3'
U5P non-polymer URIDINE-5'-MONOPHOSPHATE 'C9 H13 N2 O9 P'
#
# COMPACT_ATOMS: atom_id res chain seq x y z
N ILE A 8 -7.03 -19.87 8.39
CA ILE A 8 -8.45 -19.82 7.92
C ILE A 8 -8.86 -18.44 7.40
N THR A 9 -8.28 -17.39 7.98
CA THR A 9 -8.50 -16.02 7.52
C THR A 9 -7.19 -15.38 7.09
N ARG A 10 -7.25 -14.67 5.97
CA ARG A 10 -6.06 -14.05 5.44
C ARG A 10 -6.01 -12.59 5.77
N GLN A 11 -4.83 -12.13 6.16
N GLN A 11 -4.84 -12.15 6.22
CA GLN A 11 -4.57 -10.70 6.25
CA GLN A 11 -4.50 -10.75 6.28
C GLN A 11 -3.59 -10.36 5.16
C GLN A 11 -3.66 -10.46 5.04
N ILE A 12 -3.85 -9.29 4.43
CA ILE A 12 -2.95 -8.87 3.37
C ILE A 12 -2.46 -7.51 3.79
N VAL A 13 -1.18 -7.43 4.07
CA VAL A 13 -0.57 -6.16 4.47
C VAL A 13 -0.11 -5.51 3.18
N LEU A 14 -0.59 -4.31 2.91
CA LEU A 14 -0.47 -3.74 1.58
C LEU A 14 0.06 -2.33 1.61
N ASP A 15 0.86 -2.01 0.60
CA ASP A 15 1.31 -0.65 0.42
C ASP A 15 1.32 -0.34 -1.06
N THR A 16 1.25 0.94 -1.39
CA THR A 16 1.42 1.36 -2.78
C THR A 16 2.40 2.51 -2.85
N GLU A 17 3.03 2.67 -4.01
CA GLU A 17 3.67 3.93 -4.34
C GLU A 17 2.92 4.50 -5.52
N THR A 18 2.95 5.82 -5.59
CA THR A 18 2.16 6.52 -6.60
C THR A 18 2.96 7.63 -7.24
N THR A 19 2.36 8.25 -8.24
CA THR A 19 2.98 9.38 -8.91
C THR A 19 2.98 10.63 -8.03
N GLY A 20 2.30 10.53 -6.89
CA GLY A 20 2.12 11.65 -5.99
C GLY A 20 0.74 11.62 -5.39
N MET A 21 0.26 12.80 -5.00
N MET A 21 0.26 12.80 -5.03
N MET A 21 0.28 12.79 -4.98
CA MET A 21 -1.02 12.94 -4.31
CA MET A 21 -1.07 12.94 -4.49
CA MET A 21 -1.05 12.93 -4.38
C MET A 21 -1.43 14.40 -4.25
C MET A 21 -1.49 14.39 -4.59
C MET A 21 -1.44 14.40 -4.32
N ASN A 22 -2.73 14.65 -4.18
CA ASN A 22 -3.25 16.00 -4.08
C ASN A 22 -3.48 16.35 -2.63
N GLN A 23 -3.06 17.54 -2.23
N GLN A 23 -3.09 17.56 -2.28
CA GLN A 23 -3.28 17.99 -0.86
CA GLN A 23 -3.22 18.09 -0.93
C GLN A 23 -4.69 18.52 -0.66
C GLN A 23 -4.61 18.66 -0.67
N ILE A 24 -5.36 18.85 -1.75
CA ILE A 24 -6.73 19.36 -1.73
C ILE A 24 -7.61 18.46 -2.58
N GLY A 25 -8.83 18.23 -2.13
CA GLY A 25 -9.79 17.42 -2.85
C GLY A 25 -9.40 15.96 -2.79
N ALA A 26 -9.95 15.17 -3.71
CA ALA A 26 -9.66 13.74 -3.76
C ALA A 26 -8.16 13.56 -3.96
N HIS A 27 -7.53 12.85 -3.03
CA HIS A 27 -6.07 12.84 -3.00
C HIS A 27 -5.43 12.14 -4.19
N TYR A 28 -6.22 11.30 -4.86
CA TYR A 28 -5.73 10.43 -5.92
C TYR A 28 -6.01 10.96 -7.32
N GLU A 29 -6.91 11.94 -7.44
CA GLU A 29 -7.38 12.38 -8.76
C GLU A 29 -6.20 12.82 -9.62
N GLY A 30 -6.10 12.23 -10.81
CA GLY A 30 -5.05 12.64 -11.73
C GLY A 30 -3.72 11.99 -11.48
N HIS A 31 -3.65 11.19 -10.41
CA HIS A 31 -2.45 10.45 -10.09
C HIS A 31 -2.64 8.97 -10.38
N LYS A 32 -1.56 8.21 -10.26
CA LYS A 32 -1.62 6.80 -10.59
C LYS A 32 -0.80 5.99 -9.61
N ILE A 33 -1.23 4.77 -9.40
CA ILE A 33 -0.43 3.80 -8.66
C ILE A 33 0.72 3.37 -9.56
N ILE A 34 1.93 3.39 -9.03
CA ILE A 34 3.07 2.90 -9.79
C ILE A 34 3.70 1.64 -9.20
N GLU A 35 3.29 1.26 -8.00
CA GLU A 35 3.78 0.03 -7.42
C GLU A 35 2.76 -0.42 -6.40
N ILE A 36 2.47 -1.70 -6.43
CA ILE A 36 1.67 -2.33 -5.41
C ILE A 36 2.51 -3.41 -4.77
N GLY A 37 2.52 -3.46 -3.44
CA GLY A 37 3.25 -4.50 -2.73
C GLY A 37 2.33 -4.99 -1.64
N ALA A 38 2.21 -6.31 -1.54
CA ALA A 38 1.26 -6.85 -0.60
C ALA A 38 1.78 -8.18 -0.13
N VAL A 39 1.66 -8.40 1.18
CA VAL A 39 2.19 -9.61 1.76
C VAL A 39 1.12 -10.31 2.58
N GLU A 40 1.08 -11.62 2.40
CA GLU A 40 0.05 -12.41 3.00
C GLU A 40 0.46 -12.91 4.38
N VAL A 41 -0.45 -12.78 5.32
CA VAL A 41 -0.26 -13.26 6.71
C VAL A 41 -1.45 -14.15 7.05
N VAL A 42 -1.14 -15.37 7.48
CA VAL A 42 -2.20 -16.32 7.87
C VAL A 42 -1.79 -16.88 9.22
N ASN A 43 -2.74 -16.87 10.16
CA ASN A 43 -2.50 -17.36 11.50
C ASN A 43 -1.22 -16.77 12.06
N ARG A 44 -1.10 -15.45 11.91
CA ARG A 44 0.02 -14.66 12.46
C ARG A 44 1.40 -15.04 11.93
N ARG A 45 1.43 -15.65 10.75
CA ARG A 45 2.68 -15.99 10.09
C ARG A 45 2.65 -15.48 8.68
N LEU A 46 3.74 -14.85 8.26
CA LEU A 46 3.93 -14.50 6.87
C LEU A 46 3.99 -15.80 6.10
N THR A 47 3.20 -15.91 5.03
CA THR A 47 3.21 -17.13 4.23
C THR A 47 4.30 -17.07 3.17
N GLY A 48 4.75 -15.87 2.83
CA GLY A 48 5.71 -15.68 1.74
C GLY A 48 5.06 -15.59 0.37
N ASN A 49 3.73 -15.75 0.32
CA ASN A 49 3.03 -15.64 -0.95
C ASN A 49 2.50 -14.22 -1.11
N ASN A 50 3.26 -13.46 -1.87
CA ASN A 50 3.08 -12.02 -1.94
C ASN A 50 2.61 -11.58 -3.31
N PHE A 51 2.36 -10.30 -3.45
CA PHE A 51 1.96 -9.73 -4.71
C PHE A 51 2.78 -8.46 -4.87
N HIS A 52 3.42 -8.31 -6.01
CA HIS A 52 4.28 -7.17 -6.20
C HIS A 52 4.39 -6.81 -7.64
N VAL A 53 3.91 -5.63 -7.99
CA VAL A 53 3.97 -5.16 -9.35
C VAL A 53 4.34 -3.69 -9.39
N TYR A 54 5.13 -3.33 -10.40
CA TYR A 54 5.28 -1.95 -10.79
C TYR A 54 4.38 -1.73 -11.98
N LEU A 55 3.83 -0.52 -12.06
CA LEU A 55 2.85 -0.22 -13.09
C LEU A 55 3.22 0.99 -13.89
N LYS A 56 2.86 0.94 -15.17
CA LYS A 56 3.08 2.03 -16.10
C LYS A 56 1.96 3.05 -15.92
N PRO A 57 2.31 4.27 -15.46
CA PRO A 57 1.26 5.24 -15.21
C PRO A 57 0.81 6.13 -16.38
N ASP A 58 1.58 6.21 -17.46
N ASP A 58 1.63 6.21 -17.43
CA ASP A 58 1.19 7.13 -18.54
CA ASP A 58 1.36 7.09 -18.58
C ASP A 58 0.95 8.56 -18.01
C ASP A 58 1.26 8.58 -18.22
N ARG A 59 1.77 8.93 -17.03
CA ARG A 59 1.95 10.32 -16.60
C ARG A 59 3.28 10.31 -15.84
N LEU A 60 3.81 11.50 -15.56
CA LEU A 60 5.09 11.59 -14.86
C LEU A 60 4.92 11.44 -13.36
N VAL A 61 5.98 10.95 -12.71
CA VAL A 61 6.04 10.97 -11.27
C VAL A 61 6.36 12.38 -10.82
N ASP A 62 5.60 12.89 -9.87
CA ASP A 62 5.90 14.21 -9.31
C ASP A 62 7.23 14.15 -8.56
N PRO A 63 8.05 15.20 -8.70
CA PRO A 63 9.33 15.27 -7.99
C PRO A 63 9.28 14.90 -6.50
N GLU A 64 8.28 15.40 -5.78
CA GLU A 64 8.15 15.06 -4.36
C GLU A 64 8.03 13.55 -4.18
N ALA A 65 7.14 12.94 -4.95
CA ALA A 65 6.94 11.49 -4.89
C ALA A 65 8.24 10.75 -5.21
N PHE A 66 8.95 11.22 -6.24
CA PHE A 66 10.25 10.64 -6.58
C PHE A 66 11.24 10.77 -5.43
N GLY A 67 11.14 11.86 -4.68
CA GLY A 67 11.97 12.05 -3.50
C GLY A 67 11.74 11.00 -2.43
N VAL A 68 10.54 10.43 -2.42
CA VAL A 68 10.14 9.43 -1.44
C VAL A 68 10.57 8.03 -1.88
N HIS A 69 10.24 7.67 -3.12
CA HIS A 69 10.43 6.30 -3.55
C HIS A 69 11.51 6.06 -4.59
N GLY A 70 12.00 7.14 -5.22
CA GLY A 70 13.06 6.98 -6.20
C GLY A 70 12.71 6.16 -7.43
N ILE A 71 11.42 5.95 -7.69
CA ILE A 71 11.00 5.19 -8.87
C ILE A 71 10.97 6.14 -10.07
N ALA A 72 11.87 5.88 -11.02
CA ALA A 72 12.04 6.74 -12.17
C ALA A 72 10.99 6.48 -13.24
N ASP A 73 10.57 7.55 -13.91
CA ASP A 73 9.65 7.44 -15.02
C ASP A 73 10.09 6.38 -16.03
N GLU A 74 11.39 6.38 -16.36
CA GLU A 74 11.91 5.45 -17.37
C GLU A 74 11.70 4.00 -16.96
N PHE A 75 11.79 3.74 -15.66
CA PHE A 75 11.70 2.39 -15.15
C PHE A 75 10.29 1.82 -15.37
N LEU A 76 9.31 2.71 -15.47
CA LEU A 76 7.92 2.27 -15.52
C LEU A 76 7.42 2.05 -16.94
N LEU A 77 8.22 2.47 -17.92
CA LEU A 77 7.79 2.46 -19.31
C LEU A 77 7.40 1.10 -19.85
N ASP A 78 8.07 0.06 -19.38
CA ASP A 78 7.83 -1.29 -19.89
C ASP A 78 6.94 -2.13 -18.99
N LYS A 79 6.37 -1.50 -17.96
CA LYS A 79 5.59 -2.24 -16.97
C LYS A 79 4.13 -2.39 -17.38
N PRO A 80 3.42 -3.34 -16.74
CA PRO A 80 2.00 -3.48 -17.06
C PRO A 80 1.21 -2.30 -16.56
N THR A 81 0.03 -2.12 -17.13
CA THR A 81 -0.89 -1.10 -16.65
C THR A 81 -1.68 -1.70 -15.50
N PHE A 82 -2.29 -0.84 -14.69
CA PHE A 82 -3.22 -1.30 -13.68
C PHE A 82 -4.27 -2.26 -14.25
N ALA A 83 -4.83 -1.95 -15.43
CA ALA A 83 -5.83 -2.84 -16.05
C ALA A 83 -5.29 -4.25 -16.21
N GLU A 84 -4.02 -4.36 -16.54
CA GLU A 84 -3.42 -5.67 -16.80
C GLU A 84 -3.20 -6.50 -15.55
N VAL A 85 -3.11 -5.85 -14.40
CA VAL A 85 -2.88 -6.59 -13.15
C VAL A 85 -4.13 -6.68 -12.27
N ALA A 86 -5.18 -5.95 -12.64
CA ALA A 86 -6.31 -5.75 -11.74
C ALA A 86 -7.00 -7.06 -11.38
N ASP A 87 -7.15 -7.94 -12.35
CA ASP A 87 -7.83 -9.20 -12.05
C ASP A 87 -7.09 -10.03 -11.01
N GLU A 88 -5.79 -10.22 -11.23
CA GLU A 88 -5.02 -11.01 -10.29
C GLU A 88 -4.94 -10.31 -8.94
N PHE A 89 -4.81 -8.99 -8.96
CA PHE A 89 -4.76 -8.20 -7.74
C PHE A 89 -6.04 -8.45 -6.92
N MET A 90 -7.19 -8.38 -7.59
CA MET A 90 -8.45 -8.65 -6.91
C MET A 90 -8.51 -10.08 -6.38
N ASP A 91 -8.06 -11.05 -7.19
CA ASP A 91 -8.03 -12.44 -6.73
C ASP A 91 -7.17 -12.59 -5.49
N TYR A 92 -6.09 -11.81 -5.43
CA TYR A 92 -5.19 -11.90 -4.31
C TYR A 92 -5.82 -11.32 -3.04
N ILE A 93 -6.46 -10.16 -3.16
CA ILE A 93 -6.91 -9.47 -1.95
C ILE A 93 -8.31 -9.86 -1.48
N ARG A 94 -9.12 -10.39 -2.39
CA ARG A 94 -10.54 -10.64 -2.12
C ARG A 94 -10.74 -11.33 -0.78
N GLY A 95 -11.62 -10.77 0.03
CA GLY A 95 -12.01 -11.40 1.28
C GLY A 95 -11.07 -11.25 2.44
N ALA A 96 -9.87 -10.70 2.19
CA ALA A 96 -8.88 -10.61 3.23
C ALA A 96 -9.14 -9.38 4.07
N GLU A 97 -8.51 -9.35 5.25
CA GLU A 97 -8.37 -8.10 5.99
C GLU A 97 -7.13 -7.41 5.42
N LEU A 98 -7.34 -6.29 4.75
CA LEU A 98 -6.23 -5.47 4.28
C LEU A 98 -5.71 -4.63 5.43
N VAL A 99 -4.42 -4.64 5.65
CA VAL A 99 -3.81 -3.84 6.70
C VAL A 99 -2.90 -2.86 6.01
N ILE A 100 -3.19 -1.57 6.16
CA ILE A 100 -2.51 -0.55 5.38
C ILE A 100 -2.25 0.62 6.31
N HIS A 101 -1.05 1.17 6.21
CA HIS A 101 -0.68 2.27 7.09
C HIS A 101 -1.18 3.56 6.46
N ASN A 102 -2.24 4.12 7.04
CA ASN A 102 -2.99 5.25 6.44
C ASN A 102 -3.83 4.68 5.30
N ALA A 103 -4.66 3.72 5.68
CA ALA A 103 -5.43 2.94 4.71
C ALA A 103 -6.20 3.79 3.70
N ALA A 104 -6.79 4.91 4.15
CA ALA A 104 -7.57 5.75 3.22
C ALA A 104 -6.76 6.17 2.01
N PHE A 105 -5.44 6.34 2.18
CA PHE A 105 -4.59 6.73 1.08
C PHE A 105 -4.61 5.68 -0.02
N ASP A 106 -4.17 4.48 0.34
CA ASP A 106 -4.05 3.41 -0.64
C ASP A 106 -5.39 2.93 -1.16
N ILE A 107 -6.37 2.85 -0.26
CA ILE A 107 -7.70 2.40 -0.67
C ILE A 107 -8.28 3.40 -1.66
N GLY A 108 -8.10 4.68 -1.39
CA GLY A 108 -8.53 5.73 -2.32
C GLY A 108 -7.90 5.51 -3.68
N PHE A 109 -6.60 5.27 -3.72
CA PHE A 109 -5.96 4.99 -5.00
C PHE A 109 -6.44 3.72 -5.65
N MET A 110 -6.60 2.66 -4.85
CA MET A 110 -7.11 1.41 -5.40
C MET A 110 -8.49 1.57 -6.02
N ASP A 111 -9.41 2.19 -5.27
CA ASP A 111 -10.77 2.30 -5.78
C ASP A 111 -10.80 3.21 -6.99
N TYR A 112 -9.96 4.23 -6.98
CA TYR A 112 -9.84 5.12 -8.13
C TYR A 112 -9.40 4.36 -9.35
N GLU A 113 -8.32 3.61 -9.23
CA GLU A 113 -7.80 2.85 -10.34
C GLU A 113 -8.82 1.80 -10.77
N PHE A 114 -9.47 1.13 -9.82
CA PHE A 114 -10.49 0.16 -10.20
C PHE A 114 -11.59 0.86 -10.98
N SER A 115 -11.97 2.06 -10.53
CA SER A 115 -13.10 2.76 -11.17
C SER A 115 -12.78 3.14 -12.62
N LEU A 116 -11.52 3.45 -12.88
CA LEU A 116 -11.09 3.84 -14.21
C LEU A 116 -11.25 2.70 -15.22
N LEU A 117 -11.34 1.49 -14.70
CA LEU A 117 -11.47 0.32 -15.58
C LEU A 117 -12.85 0.20 -16.21
N LYS A 118 -13.83 0.94 -15.67
CA LYS A 118 -15.22 0.87 -16.13
C LYS A 118 -15.72 -0.58 -16.22
N ARG A 119 -15.48 -1.34 -15.14
CA ARG A 119 -15.91 -2.73 -15.07
C ARG A 119 -16.90 -2.93 -13.92
N ASP A 120 -17.42 -1.83 -13.39
CA ASP A 120 -18.37 -1.83 -12.27
C ASP A 120 -17.80 -2.56 -11.06
N ILE A 121 -16.50 -2.41 -10.86
CA ILE A 121 -15.85 -3.03 -9.71
C ILE A 121 -16.34 -2.28 -8.48
N PRO A 122 -16.84 -3.01 -7.46
CA PRO A 122 -17.33 -2.36 -6.26
C PRO A 122 -16.16 -1.84 -5.43
N LYS A 123 -16.47 -1.02 -4.44
CA LYS A 123 -15.44 -0.47 -3.56
C LYS A 123 -14.74 -1.62 -2.85
N THR A 124 -13.45 -1.43 -2.61
CA THR A 124 -12.62 -2.45 -1.98
C THR A 124 -13.20 -2.88 -0.65
N ASN A 125 -13.70 -1.92 0.11
CA ASN A 125 -14.20 -2.27 1.45
C ASN A 125 -15.52 -3.06 1.45
N THR A 126 -16.06 -3.32 0.26
CA THR A 126 -17.23 -4.21 0.14
C THR A 126 -16.80 -5.65 -0.04
N PHE A 127 -15.55 -5.87 -0.43
CA PHE A 127 -15.06 -7.25 -0.59
C PHE A 127 -13.83 -7.61 0.25
N CYS A 128 -13.27 -6.61 0.92
CA CYS A 128 -12.19 -6.78 1.89
C CYS A 128 -12.55 -6.05 3.16
N LYS A 129 -12.05 -6.53 4.30
CA LYS A 129 -12.05 -5.73 5.50
C LYS A 129 -10.83 -4.81 5.37
N VAL A 130 -10.95 -3.57 5.82
CA VAL A 130 -9.84 -2.65 5.74
C VAL A 130 -9.47 -2.21 7.13
N THR A 131 -8.23 -2.48 7.49
CA THR A 131 -7.70 -2.03 8.77
C THR A 131 -6.64 -0.98 8.54
N ASP A 132 -6.81 0.17 9.17
CA ASP A 132 -5.81 1.21 9.06
C ASP A 132 -4.85 1.04 10.21
N SER A 133 -3.67 0.50 9.91
CA SER A 133 -2.68 0.25 10.96
C SER A 133 -2.19 1.54 11.62
N LEU A 134 -2.34 2.67 10.93
CA LEU A 134 -1.97 3.96 11.50
C LEU A 134 -2.98 4.38 12.55
N ALA A 135 -4.26 4.11 12.31
CA ALA A 135 -5.28 4.37 13.33
C ALA A 135 -5.04 3.45 14.52
N VAL A 136 -4.72 2.18 14.24
CA VAL A 136 -4.47 1.22 15.32
C VAL A 136 -3.27 1.69 16.16
N ALA A 137 -2.20 2.09 15.48
CA ALA A 137 -0.99 2.57 16.16
C ALA A 137 -1.28 3.81 16.99
N ARG A 138 -2.07 4.73 16.42
CA ARG A 138 -2.43 5.93 17.15
C ARG A 138 -3.22 5.61 18.39
N LYS A 139 -4.09 4.59 18.31
CA LYS A 139 -4.89 4.19 19.46
C LYS A 139 -3.99 3.59 20.54
N MET A 140 -3.00 2.81 20.10
CA MET A 140 -2.07 2.15 21.02
C MET A 140 -1.04 3.09 21.60
N PHE A 141 -0.64 4.08 20.81
CA PHE A 141 0.42 5.01 21.18
C PHE A 141 -0.06 6.44 21.00
N PRO A 142 -1.13 6.81 21.71
CA PRO A 142 -1.65 8.16 21.51
C PRO A 142 -0.62 9.18 21.96
N GLY A 143 -0.54 10.28 21.23
CA GLY A 143 0.40 11.34 21.55
C GLY A 143 1.82 11.03 21.16
N LYS A 144 2.03 9.92 20.45
CA LYS A 144 3.39 9.56 20.07
C LYS A 144 3.51 9.58 18.55
N ARG A 145 4.74 9.48 18.06
CA ARG A 145 4.97 9.36 16.62
C ARG A 145 4.49 8.00 16.19
N ASN A 146 3.83 7.94 15.04
CA ASN A 146 3.31 6.66 14.59
C ASN A 146 3.55 6.42 13.11
N SER A 147 4.52 7.13 12.53
CA SER A 147 4.99 6.75 11.20
C SER A 147 5.47 5.30 11.26
N LEU A 148 5.50 4.65 10.12
CA LEU A 148 6.00 3.30 10.04
C LEU A 148 7.43 3.26 10.61
N ASP A 149 8.24 4.28 10.32
CA ASP A 149 9.62 4.31 10.84
C ASP A 149 9.64 4.39 12.36
N ALA A 150 8.79 5.25 12.90
CA ALA A 150 8.67 5.35 14.37
C ALA A 150 8.28 4.01 14.98
N LEU A 151 7.36 3.32 14.31
CA LEU A 151 6.91 2.01 14.78
C LEU A 151 8.00 0.97 14.66
N CYS A 152 8.82 1.09 13.61
CA CYS A 152 9.97 0.20 13.46
C CYS A 152 10.92 0.32 14.63
N ALA A 153 11.17 1.54 15.07
CA ALA A 153 12.05 1.76 16.20
C ALA A 153 11.40 1.15 17.44
N ARG A 154 10.11 1.39 17.58
CA ARG A 154 9.36 0.98 18.74
C ARG A 154 9.39 -0.56 18.87
N TYR A 155 9.28 -1.25 17.75
CA TYR A 155 9.20 -2.70 17.74
C TYR A 155 10.46 -3.42 17.27
N GLU A 156 11.55 -2.66 17.16
CA GLU A 156 12.86 -3.20 16.76
C GLU A 156 12.77 -3.98 15.45
N ILE A 157 12.05 -3.39 14.50
CA ILE A 157 11.94 -3.93 13.17
C ILE A 157 12.96 -3.22 12.28
N ASP A 158 13.67 -4.01 11.48
CA ASP A 158 14.70 -3.48 10.59
C ASP A 158 14.10 -2.70 9.42
N ASN A 159 14.36 -1.42 9.39
CA ASN A 159 14.00 -0.58 8.25
C ASN A 159 15.26 0.06 7.65
N SER A 160 16.42 -0.57 7.89
CA SER A 160 17.70 -0.04 7.41
C SER A 160 17.79 0.00 5.88
N LYS A 161 17.00 -0.86 5.22
CA LYS A 161 16.97 -0.86 3.76
C LYS A 161 15.99 0.18 3.19
N ARG A 162 15.41 0.99 4.07
CA ARG A 162 14.28 1.85 3.70
C ARG A 162 14.64 3.33 3.54
N THR A 163 15.82 3.61 3.00
CA THR A 163 16.19 4.99 2.67
C THR A 163 15.16 5.54 1.68
N LEU A 164 14.90 4.76 0.63
CA LEU A 164 13.76 5.02 -0.26
C LEU A 164 12.64 4.07 0.12
N HIS A 165 11.43 4.59 0.06
CA HIS A 165 10.25 3.79 0.31
C HIS A 165 9.99 2.96 -0.94
N GLY A 166 9.50 1.74 -0.75
CA GLY A 166 9.03 0.93 -1.87
C GLY A 166 7.81 0.19 -1.38
N ALA A 167 6.92 -0.18 -2.28
CA ALA A 167 5.64 -0.74 -1.84
C ALA A 167 5.82 -2.10 -1.19
N LEU A 168 6.57 -3.00 -1.82
CA LEU A 168 6.78 -4.32 -1.22
C LEU A 168 7.62 -4.18 0.04
N LEU A 169 8.68 -3.38 -0.03
CA LEU A 169 9.50 -3.14 1.14
C LEU A 169 8.64 -2.63 2.31
N ASP A 170 7.80 -1.65 2.04
CA ASP A 170 6.98 -1.05 3.07
C ASP A 170 5.93 -2.01 3.60
N ALA A 171 5.38 -2.83 2.70
CA ALA A 171 4.37 -3.79 3.12
C ALA A 171 5.00 -4.84 4.02
N GLN A 172 6.22 -5.27 3.69
N GLN A 172 6.22 -5.26 3.67
CA GLN A 172 6.91 -6.29 4.49
CA GLN A 172 6.94 -6.26 4.46
C GLN A 172 7.25 -5.73 5.86
C GLN A 172 7.22 -5.71 5.85
N ILE A 173 7.75 -4.50 5.89
CA ILE A 173 8.05 -3.83 7.14
C ILE A 173 6.78 -3.66 7.96
N LEU A 174 5.71 -3.16 7.33
CA LEU A 174 4.46 -3.02 8.05
C LEU A 174 3.94 -4.34 8.59
N ALA A 175 4.10 -5.42 7.83
CA ALA A 175 3.60 -6.71 8.29
C ALA A 175 4.30 -7.07 9.59
N GLU A 176 5.61 -6.87 9.63
CA GLU A 176 6.41 -7.17 10.82
C GLU A 176 5.98 -6.29 11.97
N VAL A 177 5.81 -5.01 11.69
CA VAL A 177 5.36 -4.07 12.70
C VAL A 177 3.98 -4.44 13.22
N TYR A 178 3.07 -4.75 12.31
CA TYR A 178 1.69 -5.01 12.69
C TYR A 178 1.56 -6.31 13.47
N LEU A 179 2.35 -7.31 13.10
CA LEU A 179 2.38 -8.56 13.84
C LEU A 179 2.80 -8.28 15.28
N ALA A 180 3.83 -7.44 15.44
CA ALA A 180 4.32 -7.09 16.77
C ALA A 180 3.29 -6.26 17.55
N MET A 181 2.64 -5.33 16.85
N MET A 181 2.65 -5.32 16.86
CA MET A 181 1.60 -4.51 17.45
CA MET A 181 1.60 -4.49 17.47
C MET A 181 0.45 -5.32 18.01
C MET A 181 0.44 -5.31 17.99
N THR A 182 0.13 -6.41 17.30
CA THR A 182 -1.03 -7.23 17.65
C THR A 182 -0.59 -8.50 18.37
N GLY A 183 0.68 -8.53 18.77
CA GLY A 183 1.30 -9.69 19.42
C GLY A 183 1.63 -9.46 20.88
MN MN B . 2.16 3.74 2.14
MN MN C . 5.38 3.01 0.56
N1 U5P D . 4.12 10.75 -0.90
C2 U5P D . 4.46 12.04 -1.35
N3 U5P D . 5.14 12.86 -0.51
C4 U5P D . 5.50 12.47 0.72
C5 U5P D . 5.18 11.20 1.17
C6 U5P D . 4.48 10.33 0.33
O2 U5P D . 4.12 12.41 -2.49
C1' U5P D . 3.37 9.89 -1.83
C2' U5P D . 4.33 9.20 -2.80
O2' U5P D . 3.77 9.26 -4.12
C3' U5P D . 4.33 7.76 -2.28
C4' U5P D . 2.95 7.61 -1.65
O3' U5P D . 4.53 6.82 -3.33
O4' U5P D . 2.65 8.90 -1.08
C5' U5P D . 2.93 6.54 -0.58
O5' U5P D . 3.94 6.84 0.38
P U5P D . 4.07 5.82 1.63
O1P U5P D . 2.75 5.88 2.32
O2P U5P D . 5.20 6.39 2.45
O3P U5P D . 4.23 4.43 1.07
C1' U5P E . 0.41 8.39 2.98
C2' U5P E . 1.46 9.49 3.08
O2' U5P E . 2.05 9.67 1.80
C3' U5P E . 2.50 8.99 4.08
C4' U5P E . 2.17 7.52 4.19
O3' U5P E . 3.86 9.09 3.64
O4' U5P E . 0.76 7.45 4.00
C5' U5P E . 2.65 6.90 5.50
O5' U5P E . 4.06 6.61 5.44
P U5P E . 4.70 5.52 6.48
O1P U5P E . 6.18 5.39 6.22
O2P U5P E . 3.90 4.28 6.21
O3P U5P E . 4.50 6.08 7.85
C1 EDO F . -14.68 -9.28 4.32
O1 EDO F . -14.92 -10.70 4.35
C2 EDO F . -15.54 -8.67 3.22
O2 EDO F . -16.25 -7.53 3.71
C1 EDO G . -12.80 2.12 4.25
O1 EDO G . -13.35 0.96 4.88
C2 EDO G . -11.55 1.77 3.46
O2 EDO G . -10.47 2.69 3.77
C1 PEG H . 13.98 0.93 -10.13
O1 PEG H . 15.28 0.47 -9.75
C2 PEG H . 13.14 1.29 -8.91
O2 PEG H . 13.86 2.28 -8.18
C3 PEG H . 13.33 2.49 -6.87
C4 PEG H . 14.39 3.12 -5.99
O4 PEG H . 15.63 2.42 -6.09
#